data_5NY6
#
_entry.id   5NY6
#
_cell.length_a   42.013
_cell.length_b   41.107
_cell.length_c   72.077
_cell.angle_alpha   90.000
_cell.angle_beta   104.230
_cell.angle_gamma   90.000
#
_symmetry.space_group_name_H-M   'P 1 21 1'
#
loop_
_entity.id
_entity.type
_entity.pdbx_description
1 polymer 'Carbonic anhydrase 2'
2 non-polymer 'ZINC ION'
3 non-polymer 4-chloranyl-~{N}-[(1~{R})-1-(2-hydroxyphenyl)ethyl]-3-sulfamoyl-benzamide
4 non-polymer 4-chloranyl-~{N}-[(1~{S})-1-(2-hydroxyphenyl)ethyl]-3-sulfamoyl-benzamide
5 water water
#
_entity_poly.entity_id   1
_entity_poly.type   'polypeptide(L)'
_entity_poly.pdbx_seq_one_letter_code
;HHWGYGKHNGPEHWHKDFPIAKGERQSPVDIDTHTAKYDPSLKPLSVSYDQATSLRILNNGHAFNVEFDDSQDKAVLKGG
PLDGTYRLIQFHFHWGSLDGQGSEHTVDKKKYAAELHLVHWNTKYGDFGKAVQQPDGLAVLGIFLKVGSAKPGLQKVVDV
LDSIKTKGKSADFTNFDPRGLLPESLDYWTYPGSLTTPPLLECVTWIVLKEPISVSSEQVLKFRKLNFNGEGEPEELMVD
NWRPAQPLKNRQIKASFK
;
_entity_poly.pdbx_strand_id   A
#
# COMPACT_ATOMS: atom_id res chain seq x y z
N HIS A 1 -21.47 -4.52 -11.17
CA HIS A 1 -20.36 -5.49 -11.37
C HIS A 1 -19.00 -4.80 -11.51
N HIS A 2 -18.60 -4.13 -10.42
CA HIS A 2 -17.38 -3.35 -10.37
C HIS A 2 -16.22 -4.26 -10.03
N TRP A 3 -15.02 -3.72 -10.15
CA TRP A 3 -13.81 -4.52 -10.00
C TRP A 3 -13.61 -4.91 -8.55
N GLY A 4 -12.91 -6.02 -8.38
CA GLY A 4 -12.57 -6.52 -7.06
C GLY A 4 -11.45 -7.53 -7.14
N TYR A 5 -11.46 -8.60 -6.36
N TYR A 5 -11.49 -8.38 -6.12
CA TYR A 5 -10.37 -9.59 -6.41
CA TYR A 5 -10.54 -9.43 -5.83
C TYR A 5 -10.85 -11.03 -6.65
C TYR A 5 -11.27 -10.77 -5.73
N GLY A 6 -12.14 -11.17 -7.00
N GLY A 6 -12.54 -10.78 -6.12
CA GLY A 6 -12.74 -12.51 -7.18
CA GLY A 6 -13.35 -12.01 -6.14
C GLY A 6 -12.58 -13.11 -8.56
C GLY A 6 -13.14 -12.88 -7.35
N LYS A 7 -13.13 -14.31 -8.73
N LYS A 7 -14.00 -13.88 -7.48
CA LYS A 7 -12.99 -15.05 -9.98
CA LYS A 7 -13.86 -14.89 -8.53
C LYS A 7 -13.55 -14.30 -11.18
C LYS A 7 -14.27 -14.37 -9.91
N HIS A 8 -14.63 -13.60 -10.97
N HIS A 8 -15.02 -13.28 -9.94
CA HIS A 8 -15.32 -12.92 -12.05
CA HIS A 8 -15.70 -12.83 -11.17
C HIS A 8 -15.04 -11.43 -12.08
C HIS A 8 -15.36 -11.43 -11.69
N ASN A 9 -14.39 -10.82 -11.04
CA ASN A 9 -14.11 -9.39 -11.13
C ASN A 9 -12.67 -9.06 -10.74
N GLY A 10 -11.81 -10.07 -10.60
CA GLY A 10 -10.45 -9.87 -10.09
C GLY A 10 -9.49 -9.47 -11.17
N PRO A 11 -8.19 -9.50 -10.82
CA PRO A 11 -7.15 -8.98 -11.68
C PRO A 11 -7.18 -9.40 -13.14
N GLU A 12 -7.56 -10.64 -13.44
CA GLU A 12 -7.57 -11.06 -14.86
C GLU A 12 -8.70 -10.42 -15.71
N HIS A 13 -9.65 -9.81 -15.01
CA HIS A 13 -10.76 -9.09 -15.64
C HIS A 13 -10.57 -7.60 -15.80
N TRP A 14 -9.64 -7.01 -15.03
CA TRP A 14 -9.54 -5.56 -14.94
C TRP A 14 -9.30 -4.87 -16.29
N HIS A 15 -8.61 -5.52 -17.20
CA HIS A 15 -8.28 -4.92 -18.49
C HIS A 15 -9.52 -4.52 -19.30
N LYS A 16 -10.66 -5.14 -19.05
CA LYS A 16 -11.87 -4.78 -19.80
C LYS A 16 -12.36 -3.37 -19.49
N ASP A 17 -12.35 -3.00 -18.19
CA ASP A 17 -12.71 -1.63 -17.79
C ASP A 17 -11.52 -0.67 -17.84
N PHE A 18 -10.30 -1.22 -17.74
CA PHE A 18 -9.08 -0.43 -17.58
C PHE A 18 -8.02 -1.02 -18.51
N PRO A 19 -8.09 -0.72 -19.83
CA PRO A 19 -7.20 -1.36 -20.78
C PRO A 19 -5.72 -1.14 -20.52
N ILE A 20 -5.38 -0.09 -19.76
CA ILE A 20 -3.97 0.13 -19.36
C ILE A 20 -3.42 -1.03 -18.53
N ALA A 21 -4.29 -1.91 -18.02
CA ALA A 21 -3.87 -3.13 -17.35
C ALA A 21 -2.83 -3.93 -18.10
N LYS A 22 -2.88 -3.86 -19.44
CA LYS A 22 -1.91 -4.54 -20.30
C LYS A 22 -0.83 -3.61 -20.84
N GLY A 23 -0.56 -2.52 -20.12
CA GLY A 23 0.33 -1.48 -20.55
C GLY A 23 1.80 -1.81 -20.39
N GLU A 24 2.62 -0.82 -20.69
CA GLU A 24 4.06 -1.00 -20.72
C GLU A 24 4.77 -0.80 -19.39
N ARG A 25 4.08 -0.27 -18.37
CA ARG A 25 4.75 -0.03 -17.08
C ARG A 25 3.79 -0.35 -15.93
N GLN A 26 3.28 -1.58 -15.94
CA GLN A 26 2.34 -2.03 -14.92
C GLN A 26 3.06 -2.59 -13.67
N SER A 27 2.36 -2.48 -12.56
CA SER A 27 2.84 -2.96 -11.26
C SER A 27 1.81 -3.88 -10.64
N PRO A 28 2.21 -4.77 -9.75
CA PRO A 28 3.59 -5.00 -9.27
C PRO A 28 4.38 -5.84 -10.27
N VAL A 29 5.63 -6.12 -9.91
CA VAL A 29 6.55 -6.97 -10.66
C VAL A 29 7.27 -7.86 -9.72
N ASP A 30 7.84 -8.94 -10.27
CA ASP A 30 8.85 -9.72 -9.57
C ASP A 30 10.19 -8.98 -9.64
N ILE A 31 10.84 -8.87 -8.48
CA ILE A 31 12.15 -8.25 -8.38
C ILE A 31 13.16 -9.39 -8.41
N ASP A 32 13.83 -9.52 -9.56
CA ASP A 32 14.90 -10.51 -9.72
CA ASP A 32 14.87 -10.51 -9.68
C ASP A 32 16.15 -9.85 -9.14
N THR A 33 16.56 -10.28 -7.96
CA THR A 33 17.63 -9.60 -7.25
C THR A 33 18.98 -9.65 -7.91
N HIS A 34 19.24 -10.73 -8.64
N HIS A 34 19.21 -10.72 -8.69
CA HIS A 34 20.52 -10.85 -9.36
CA HIS A 34 20.44 -10.91 -9.46
C HIS A 34 20.57 -9.98 -10.62
C HIS A 34 20.56 -10.00 -10.66
N THR A 35 19.43 -9.75 -11.30
CA THR A 35 19.33 -8.85 -12.45
C THR A 35 19.22 -7.35 -12.14
N ALA A 36 18.75 -7.00 -10.94
CA ALA A 36 18.66 -5.61 -10.55
C ALA A 36 20.08 -5.06 -10.52
N LYS A 37 20.25 -3.85 -11.04
CA LYS A 37 21.59 -3.27 -11.05
C LYS A 37 21.81 -2.29 -9.92
N TYR A 38 22.91 -2.47 -9.20
CA TYR A 38 23.33 -1.49 -8.24
C TYR A 38 23.64 -0.19 -8.97
N ASP A 39 23.09 0.89 -8.48
CA ASP A 39 23.26 2.20 -9.09
C ASP A 39 23.87 3.10 -8.04
N PRO A 40 25.21 3.32 -8.14
CA PRO A 40 25.85 4.17 -7.14
C PRO A 40 25.42 5.64 -7.20
N SER A 41 24.77 6.07 -8.29
CA SER A 41 24.18 7.42 -8.38
C SER A 41 22.90 7.64 -7.56
N LEU A 42 22.25 6.56 -7.13
CA LEU A 42 21.03 6.67 -6.31
C LEU A 42 21.37 7.24 -4.92
N LYS A 43 20.52 8.13 -4.43
CA LYS A 43 20.70 8.76 -3.13
C LYS A 43 20.02 7.95 -2.04
N PRO A 44 20.46 8.16 -0.78
CA PRO A 44 19.67 7.61 0.31
C PRO A 44 18.28 8.19 0.24
N LEU A 45 17.31 7.39 0.63
CA LEU A 45 15.96 7.84 0.70
C LEU A 45 15.84 8.78 1.91
N SER A 46 15.16 9.90 1.73
CA SER A 46 14.83 10.81 2.83
C SER A 46 13.36 10.65 3.18
N VAL A 47 13.09 10.11 4.35
CA VAL A 47 11.72 9.88 4.84
C VAL A 47 11.54 10.81 6.04
N SER A 48 10.77 11.88 5.91
CA SER A 48 10.64 12.90 6.94
C SER A 48 9.20 12.89 7.39
N TYR A 49 8.91 12.03 8.37
CA TYR A 49 7.56 11.82 8.88
C TYR A 49 7.32 12.42 10.27
N ASP A 50 8.27 13.19 10.82
CA ASP A 50 8.11 13.75 12.18
C ASP A 50 6.84 14.57 12.40
N GLN A 51 6.34 15.26 11.38
CA GLN A 51 5.15 16.12 11.54
C GLN A 51 3.89 15.53 10.91
N ALA A 52 3.87 14.23 10.66
CA ALA A 52 2.72 13.62 9.98
C ALA A 52 1.43 13.77 10.81
N THR A 53 0.39 14.18 10.16
N THR A 53 0.27 13.96 10.11
CA THR A 53 -0.79 14.44 10.88
CA THR A 53 -1.16 14.05 10.65
C THR A 53 -1.69 13.41 10.31
C THR A 53 -2.24 13.12 10.01
N SER A 54 -1.79 12.27 10.96
N SER A 54 -2.57 12.01 10.66
CA SER A 54 -2.81 11.31 10.53
CA SER A 54 -3.60 11.11 10.12
C SER A 54 -4.17 11.85 10.91
C SER A 54 -5.00 11.67 10.39
N LEU A 55 -5.20 11.48 10.16
N LEU A 55 -5.95 11.32 9.53
CA LEU A 55 -6.52 12.01 10.43
CA LEU A 55 -7.31 11.84 9.70
C LEU A 55 -7.59 10.92 10.63
C LEU A 55 -8.37 10.76 9.91
N ARG A 56 -7.58 9.89 9.80
N ARG A 56 -8.41 9.77 9.01
CA ARG A 56 -8.72 9.00 9.73
CA ARG A 56 -9.51 8.82 9.01
C ARG A 56 -8.29 7.68 9.15
C ARG A 56 -9.03 7.48 8.44
N ILE A 57 -9.04 6.63 9.45
N ILE A 57 -9.79 6.43 8.75
CA ILE A 57 -8.81 5.35 8.84
CA ILE A 57 -9.55 5.10 8.23
C ILE A 57 -10.14 4.93 8.22
C ILE A 57 -10.86 4.62 7.61
N LEU A 58 -10.09 4.45 6.97
N LEU A 58 -10.76 4.03 6.42
CA LEU A 58 -11.26 4.13 6.17
CA LEU A 58 -11.95 3.63 5.66
C LEU A 58 -11.20 2.74 5.59
C LEU A 58 -11.78 2.25 5.05
N ASN A 59 -12.24 1.95 5.78
N ASN A 59 -12.82 1.43 5.13
CA ASN A 59 -12.43 0.72 5.03
CA ASN A 59 -12.90 0.20 4.36
C ASN A 59 -13.12 1.08 3.72
C ASN A 59 -13.56 0.52 3.04
N ASN A 60 -12.37 1.03 2.63
N ASN A 60 -12.80 0.48 1.95
CA ASN A 60 -12.92 1.45 1.32
CA ASN A 60 -13.34 0.85 0.63
C ASN A 60 -13.48 0.29 0.50
C ASN A 60 -13.84 -0.35 -0.17
N GLY A 61 -13.57 -0.89 1.10
N GLY A 61 -13.94 -1.47 0.52
CA GLY A 61 -14.10 -2.07 0.40
CA GLY A 61 -14.34 -2.67 -0.11
C GLY A 61 -13.18 -2.99 -0.44
C GLY A 61 -13.10 -3.27 -0.69
N HIS A 62 -11.92 -2.60 -0.56
CA HIS A 62 -10.75 -3.25 -1.22
C HIS A 62 -9.62 -3.48 -0.20
N ALA A 63 -9.39 -2.50 0.65
CA ALA A 63 -8.44 -2.55 1.75
C ALA A 63 -8.89 -1.50 2.77
N PHE A 64 -8.04 -1.11 3.70
CA PHE A 64 -8.30 0.06 4.52
C PHE A 64 -7.21 1.08 4.27
N ASN A 65 -7.53 2.40 4.31
N ASN A 65 -7.70 2.25 3.89
CA ASN A 65 -6.52 3.49 4.18
CA ASN A 65 -6.86 3.36 3.68
C ASN A 65 -6.34 4.31 5.47
C ASN A 65 -6.90 4.17 4.95
N VAL A 66 -5.11 4.53 5.92
N VAL A 66 -5.72 4.43 5.47
CA VAL A 66 -4.83 5.49 6.98
CA VAL A 66 -5.55 5.47 6.43
C VAL A 66 -4.46 6.79 6.28
C VAL A 66 -5.14 6.72 5.66
N GLU A 67 -5.27 7.82 6.50
N GLU A 67 -5.96 7.77 5.75
CA GLU A 67 -5.25 9.02 5.72
CA GLU A 67 -5.72 9.06 5.07
C GLU A 67 -4.57 10.09 6.43
C GLU A 67 -5.08 10.15 6.02
N PHE A 68 -4.01 10.93 5.60
CA PHE A 68 -3.25 11.99 6.21
C PHE A 68 -3.66 13.37 5.71
N ASP A 69 -3.47 14.38 6.54
CA ASP A 69 -3.57 15.76 6.10
C ASP A 69 -2.35 16.08 5.22
N ASP A 70 -2.62 16.25 3.94
CA ASP A 70 -1.58 16.55 2.96
C ASP A 70 -1.70 18.00 2.45
N SER A 71 -2.24 18.88 3.29
CA SER A 71 -2.47 20.30 2.91
C SER A 71 -1.23 21.16 3.21
N GLN A 72 -0.18 20.58 3.80
CA GLN A 72 1.10 21.25 4.05
C GLN A 72 2.23 20.25 3.90
N ASP A 73 3.49 20.73 3.79
CA ASP A 73 4.67 19.85 3.72
C ASP A 73 4.98 19.35 5.13
N LYS A 74 4.28 18.30 5.52
CA LYS A 74 4.34 17.68 6.89
C LYS A 74 4.91 16.26 6.99
N ALA A 75 4.77 15.49 5.95
CA ALA A 75 5.22 14.09 5.92
C ALA A 75 5.65 13.86 4.48
N VAL A 76 6.94 13.97 4.22
CA VAL A 76 7.41 13.95 2.85
C VAL A 76 8.56 12.97 2.59
N LEU A 77 8.56 12.50 1.34
CA LEU A 77 9.53 11.61 0.81
C LEU A 77 10.30 12.38 -0.25
N LYS A 78 11.62 12.28 -0.18
CA LYS A 78 12.47 12.86 -1.22
CA LYS A 78 12.55 12.97 -1.09
C LYS A 78 13.76 12.07 -1.29
N GLY A 79 14.65 12.47 -2.18
CA GLY A 79 15.90 11.76 -2.33
C GLY A 79 15.65 10.45 -3.01
N GLY A 80 16.53 9.50 -2.76
CA GLY A 80 16.44 8.22 -3.43
C GLY A 80 16.52 8.47 -4.93
N PRO A 81 15.56 7.88 -5.71
CA PRO A 81 15.52 8.14 -7.14
C PRO A 81 14.71 9.38 -7.52
N LEU A 82 14.16 10.09 -6.56
CA LEU A 82 13.18 11.12 -6.81
C LEU A 82 13.82 12.46 -7.07
N ASP A 83 13.15 13.23 -7.91
CA ASP A 83 13.43 14.64 -8.11
CA ASP A 83 13.42 14.65 -8.13
C ASP A 83 12.31 15.39 -7.39
N GLY A 84 12.64 16.34 -6.55
CA GLY A 84 11.63 17.09 -5.84
C GLY A 84 11.07 16.39 -4.60
N THR A 85 9.86 16.81 -4.20
CA THR A 85 9.27 16.51 -2.89
CA THR A 85 9.32 16.41 -2.93
C THR A 85 7.92 15.85 -3.10
N TYR A 86 7.69 14.76 -2.38
CA TYR A 86 6.45 14.04 -2.50
C TYR A 86 5.78 13.96 -1.13
N ARG A 87 4.51 14.28 -1.08
CA ARG A 87 3.84 14.35 0.18
CA ARG A 87 3.69 14.42 0.16
C ARG A 87 2.95 13.12 0.44
N LEU A 88 3.04 12.63 1.67
CA LEU A 88 2.26 11.47 2.09
C LEU A 88 0.79 11.83 2.12
N ILE A 89 -0.02 11.03 1.43
CA ILE A 89 -1.49 11.15 1.43
C ILE A 89 -2.20 10.01 2.19
N GLN A 90 -1.70 8.77 2.07
CA GLN A 90 -2.34 7.66 2.74
C GLN A 90 -1.41 6.47 2.73
N PHE A 91 -1.67 5.52 3.62
CA PHE A 91 -1.09 4.18 3.48
C PHE A 91 -2.18 3.13 3.60
N HIS A 92 -1.89 1.96 3.02
CA HIS A 92 -2.74 0.80 3.13
C HIS A 92 -1.88 -0.44 2.96
N PHE A 93 -2.51 -1.59 3.10
CA PHE A 93 -1.84 -2.87 2.92
C PHE A 93 -2.58 -3.73 1.92
N HIS A 94 -1.85 -4.75 1.44
CA HIS A 94 -2.41 -5.87 0.71
C HIS A 94 -1.97 -7.12 1.47
N TRP A 95 -2.84 -8.11 1.59
CA TRP A 95 -2.52 -9.29 2.37
C TRP A 95 -3.25 -10.53 1.87
N GLY A 96 -2.85 -11.67 2.40
CA GLY A 96 -3.33 -12.95 1.93
C GLY A 96 -4.32 -13.60 2.88
N SER A 97 -4.85 -14.71 2.40
CA SER A 97 -5.66 -15.61 3.22
C SER A 97 -4.81 -16.53 4.09
N LEU A 98 -3.52 -16.68 3.75
CA LEU A 98 -2.57 -17.54 4.43
C LEU A 98 -1.27 -16.78 4.44
N ASP A 99 -0.35 -17.16 5.32
CA ASP A 99 0.90 -16.41 5.46
C ASP A 99 1.79 -16.54 4.24
N GLY A 100 1.59 -17.58 3.44
CA GLY A 100 2.40 -17.79 2.23
C GLY A 100 2.09 -16.96 1.00
N GLN A 101 1.14 -16.04 1.12
CA GLN A 101 0.86 -15.12 0.01
C GLN A 101 0.28 -13.84 0.58
N GLY A 102 0.22 -12.81 -0.25
CA GLY A 102 -0.34 -11.54 0.18
C GLY A 102 0.35 -10.34 -0.41
N SER A 103 1.68 -10.44 -0.60
CA SER A 103 2.41 -9.32 -1.21
C SER A 103 2.09 -9.21 -2.69
N GLU A 104 2.27 -7.99 -3.19
CA GLU A 104 2.08 -7.68 -4.62
C GLU A 104 3.41 -7.83 -5.35
N HIS A 105 4.42 -7.08 -4.92
CA HIS A 105 5.76 -7.37 -5.38
C HIS A 105 6.21 -8.71 -4.80
N THR A 106 7.11 -9.36 -5.54
CA THR A 106 7.75 -10.58 -5.10
C THR A 106 9.26 -10.38 -5.25
N VAL A 107 10.04 -11.19 -4.53
CA VAL A 107 11.52 -11.06 -4.55
C VAL A 107 12.05 -12.44 -4.92
N ASP A 108 12.59 -12.56 -6.13
CA ASP A 108 13.00 -13.89 -6.61
C ASP A 108 11.85 -14.88 -6.48
N LYS A 109 10.64 -14.41 -6.82
CA LYS A 109 9.39 -15.17 -6.77
C LYS A 109 8.84 -15.42 -5.37
N LYS A 110 9.56 -15.00 -4.33
CA LYS A 110 9.04 -15.13 -2.95
C LYS A 110 7.90 -14.13 -2.74
N LYS A 111 6.79 -14.68 -2.23
CA LYS A 111 5.66 -13.89 -1.76
C LYS A 111 5.73 -13.72 -0.26
N TYR A 112 5.55 -12.47 0.18
CA TYR A 112 5.47 -12.17 1.61
C TYR A 112 4.01 -12.26 2.05
N ALA A 113 3.80 -12.25 3.36
CA ALA A 113 2.46 -12.34 3.93
C ALA A 113 1.62 -11.10 3.63
N ALA A 114 2.26 -9.95 3.45
CA ALA A 114 1.54 -8.71 3.20
C ALA A 114 2.53 -7.71 2.68
N GLU A 115 1.98 -6.56 2.23
CA GLU A 115 2.79 -5.46 1.72
C GLU A 115 2.09 -4.15 2.06
N LEU A 116 2.87 -3.25 2.65
CA LEU A 116 2.47 -1.91 3.02
C LEU A 116 2.85 -0.94 1.91
N HIS A 117 1.92 -0.07 1.53
CA HIS A 117 2.12 0.97 0.52
C HIS A 117 1.87 2.32 1.14
N LEU A 118 2.93 3.12 1.25
CA LEU A 118 2.85 4.52 1.69
C LEU A 118 2.88 5.35 0.42
N VAL A 119 1.73 5.99 0.15
CA VAL A 119 1.49 6.67 -1.12
C VAL A 119 1.76 8.18 -0.98
N HIS A 120 2.58 8.71 -1.87
CA HIS A 120 2.98 10.12 -1.85
C HIS A 120 2.78 10.73 -3.22
N TRP A 121 2.40 12.02 -3.26
CA TRP A 121 2.25 12.72 -4.55
C TRP A 121 3.23 13.86 -4.68
N ASN A 122 3.65 14.08 -5.93
CA ASN A 122 4.65 15.07 -6.26
C ASN A 122 4.08 16.47 -6.12
N THR A 123 4.69 17.26 -5.24
CA THR A 123 4.16 18.59 -4.94
C THR A 123 4.16 19.52 -6.11
N LYS A 124 4.99 19.16 -7.24
CA LYS A 124 4.96 20.03 -8.41
C LYS A 124 3.60 20.00 -9.13
N TYR A 125 2.72 19.03 -8.83
CA TYR A 125 1.43 18.96 -9.49
C TYR A 125 0.27 19.41 -8.59
N GLY A 126 0.55 19.83 -7.36
CA GLY A 126 -0.44 20.58 -6.61
C GLY A 126 -1.42 19.76 -5.79
N ASP A 127 -1.83 18.60 -6.27
N ASP A 127 -2.01 18.72 -6.42
CA ASP A 127 -2.57 17.69 -5.41
CA ASP A 127 -2.96 17.77 -5.79
C ASP A 127 -2.53 16.33 -6.07
C ASP A 127 -2.81 16.33 -6.30
N PHE A 128 -3.21 15.35 -5.47
CA PHE A 128 -3.15 13.95 -5.87
C PHE A 128 -3.83 13.71 -7.21
N GLY A 129 -5.03 14.28 -7.41
CA GLY A 129 -5.77 14.01 -8.64
C GLY A 129 -5.07 14.47 -9.90
N LYS A 130 -4.34 15.58 -9.80
CA LYS A 130 -3.51 16.04 -10.92
C LYS A 130 -2.26 15.20 -11.04
N ALA A 131 -1.67 14.84 -9.90
CA ALA A 131 -0.42 14.05 -9.93
C ALA A 131 -0.58 12.71 -10.63
N VAL A 132 -1.73 12.05 -10.45
CA VAL A 132 -1.88 10.73 -11.04
C VAL A 132 -1.96 10.75 -12.56
N GLN A 133 -2.11 11.94 -13.15
CA GLN A 133 -2.10 12.11 -14.62
C GLN A 133 -0.70 12.28 -15.20
N GLN A 134 0.33 12.19 -14.36
CA GLN A 134 1.69 12.47 -14.78
C GLN A 134 2.59 11.29 -14.55
N PRO A 135 3.61 11.09 -15.42
CA PRO A 135 4.44 9.87 -15.31
C PRO A 135 5.32 9.83 -14.07
N ASP A 136 5.56 11.00 -13.47
CA ASP A 136 6.34 11.12 -12.22
C ASP A 136 5.42 11.72 -11.13
N GLY A 137 4.14 11.38 -11.14
CA GLY A 137 3.20 11.97 -10.22
C GLY A 137 3.26 11.44 -8.81
N LEU A 138 3.47 10.12 -8.65
CA LEU A 138 3.44 9.47 -7.35
C LEU A 138 4.74 8.78 -7.06
N ALA A 139 5.00 8.63 -5.75
CA ALA A 139 6.06 7.76 -5.25
C ALA A 139 5.46 6.92 -4.18
N VAL A 140 5.59 5.59 -4.31
CA VAL A 140 5.10 4.66 -3.31
C VAL A 140 6.27 3.98 -2.67
N LEU A 141 6.30 4.04 -1.34
CA LEU A 141 7.25 3.29 -0.54
C LEU A 141 6.57 1.99 -0.15
N GLY A 142 7.10 0.90 -0.67
CA GLY A 142 6.56 -0.42 -0.44
C GLY A 142 7.42 -1.17 0.57
N ILE A 143 6.76 -1.81 1.52
CA ILE A 143 7.42 -2.49 2.61
C ILE A 143 6.78 -3.84 2.79
N PHE A 144 7.59 -4.89 2.75
CA PHE A 144 7.08 -6.26 2.94
C PHE A 144 6.83 -6.54 4.41
N LEU A 145 5.84 -7.38 4.68
CA LEU A 145 5.53 -7.90 6.01
C LEU A 145 5.72 -9.42 6.00
N LYS A 146 6.47 -9.91 7.00
CA LYS A 146 6.56 -11.32 7.31
C LYS A 146 5.97 -11.57 8.68
N VAL A 147 5.55 -12.79 8.92
CA VAL A 147 4.94 -13.16 10.20
C VAL A 147 6.03 -13.69 11.15
N GLY A 148 6.13 -13.07 12.29
CA GLY A 148 7.07 -13.49 13.33
C GLY A 148 6.74 -12.72 14.59
N SER A 149 7.69 -11.92 15.05
CA SER A 149 7.43 -11.06 16.20
CA SER A 149 7.46 -11.03 16.19
C SER A 149 6.46 -9.94 15.82
N ALA A 150 5.70 -9.47 16.82
CA ALA A 150 4.81 -8.36 16.60
C ALA A 150 5.53 -7.06 16.29
N LYS A 151 4.84 -6.20 15.54
CA LYS A 151 5.32 -4.85 15.28
C LYS A 151 4.53 -3.91 16.20
N PRO A 152 5.17 -3.41 17.28
CA PRO A 152 4.38 -2.61 18.20
C PRO A 152 3.76 -1.38 17.57
N GLY A 153 4.44 -0.76 16.60
CA GLY A 153 3.92 0.42 15.93
C GLY A 153 2.70 0.18 15.05
N LEU A 154 2.42 -1.08 14.74
CA LEU A 154 1.24 -1.45 14.00
C LEU A 154 -0.02 -1.63 14.87
N GLN A 155 0.14 -1.82 16.18
CA GLN A 155 -0.98 -2.32 16.98
C GLN A 155 -2.15 -1.33 17.03
N LYS A 156 -1.87 -0.03 17.02
CA LYS A 156 -2.94 0.97 17.05
C LYS A 156 -3.86 0.84 15.81
N VAL A 157 -3.28 0.47 14.67
CA VAL A 157 -4.07 0.19 13.47
C VAL A 157 -4.93 -1.07 13.66
N VAL A 158 -4.30 -2.14 14.11
CA VAL A 158 -4.98 -3.42 14.32
C VAL A 158 -6.17 -3.25 15.25
N ASP A 159 -5.98 -2.47 16.30
CA ASP A 159 -7.07 -2.37 17.29
C ASP A 159 -8.28 -1.55 16.85
N VAL A 160 -8.16 -0.73 15.80
CA VAL A 160 -9.29 0.06 15.32
C VAL A 160 -10.08 -0.68 14.26
N LEU A 161 -9.54 -1.80 13.76
CA LEU A 161 -10.19 -2.48 12.65
C LEU A 161 -11.57 -3.01 12.95
N ASP A 162 -11.82 -3.38 14.22
CA ASP A 162 -13.15 -3.84 14.64
CA ASP A 162 -13.15 -3.84 14.62
C ASP A 162 -14.24 -2.80 14.34
N SER A 163 -13.86 -1.52 14.33
CA SER A 163 -14.78 -0.40 14.11
C SER A 163 -15.01 -0.07 12.63
N ILE A 164 -14.23 -0.69 11.72
CA ILE A 164 -14.41 -0.46 10.27
C ILE A 164 -14.50 -1.77 9.53
N LYS A 165 -15.18 -2.68 10.20
N LYS A 165 -15.42 -2.72 9.87
CA LYS A 165 -15.17 -4.02 9.78
CA LYS A 165 -15.49 -4.12 9.26
C LYS A 165 -15.60 -4.01 8.35
C LYS A 165 -15.89 -4.34 7.76
N THR A 166 -16.55 -3.14 8.03
N THR A 166 -16.92 -3.63 7.33
CA THR A 166 -17.21 -3.19 6.74
CA THR A 166 -17.52 -3.86 6.02
C THR A 166 -17.00 -1.95 5.87
C THR A 166 -17.34 -2.66 5.11
N LYS A 167 -17.19 -2.18 4.58
N LYS A 167 -17.46 -2.89 3.80
CA LYS A 167 -16.99 -1.18 3.54
CA LYS A 167 -17.31 -1.86 2.79
C LYS A 167 -17.72 0.12 3.84
C LYS A 167 -18.15 -0.63 3.12
N GLY A 168 -16.97 1.22 3.77
N GLY A 168 -17.53 0.54 3.11
CA GLY A 168 -17.55 2.54 3.93
CA GLY A 168 -18.28 1.77 3.27
C GLY A 168 -17.48 3.06 5.35
C GLY A 168 -18.13 2.34 4.67
N LYS A 169 -17.09 2.22 6.29
N LYS A 169 -17.64 1.52 5.59
CA LYS A 169 -16.89 2.67 7.66
CA LYS A 169 -17.43 2.00 6.95
C LYS A 169 -15.56 3.38 7.85
C LYS A 169 -16.13 2.79 7.10
N SER A 170 -15.57 4.47 8.59
N SER A 170 -16.19 3.88 7.85
CA SER A 170 -14.36 5.19 8.94
CA SER A 170 -15.03 4.68 8.15
C SER A 170 -14.31 5.47 10.43
C SER A 170 -15.07 5.17 9.59
N ALA A 171 -13.10 5.75 10.93
N ALA A 171 -13.94 5.65 10.09
CA ALA A 171 -12.94 6.18 12.30
CA ALA A 171 -13.82 6.12 11.46
C ALA A 171 -11.87 7.25 12.42
C ALA A 171 -12.75 7.17 11.53
N ASP A 172 -12.04 8.18 13.36
N ASP A 172 -12.94 8.11 12.45
CA ASP A 172 -10.98 9.13 13.62
CA ASP A 172 -11.93 9.08 12.77
C ASP A 172 -9.72 8.37 13.95
N PHE A 173 -8.58 8.84 13.48
N PHE A 173 -9.46 8.72 12.79
CA PHE A 173 -7.32 8.13 13.69
CA PHE A 173 -8.23 7.99 13.11
C PHE A 173 -6.19 9.12 13.66
C PHE A 173 -7.08 8.99 13.17
N THR A 174 -6.07 9.83 14.76
N THR A 174 -6.96 9.70 14.29
CA THR A 174 -5.19 10.97 14.85
CA THR A 174 -5.94 10.72 14.46
C THR A 174 -3.90 10.57 15.62
C THR A 174 -4.73 10.25 15.24
N ASN A 175 -2.82 11.30 15.40
N ASN A 175 -3.67 11.01 15.09
CA ASN A 175 -1.56 11.14 16.12
CA ASN A 175 -2.42 10.80 15.80
C ASN A 175 -0.90 9.81 15.89
C ASN A 175 -1.76 9.42 15.60
N PHE A 176 -1.25 9.18 14.79
N PHE A 176 -1.83 8.86 14.39
CA PHE A 176 -0.57 7.96 14.48
CA PHE A 176 -1.03 7.66 14.08
C PHE A 176 0.64 8.29 13.71
C PHE A 176 0.43 8.03 13.53
N ASP A 177 1.61 7.57 14.10
CA ASP A 177 2.96 7.88 13.64
C ASP A 177 3.45 6.77 12.71
N PRO A 178 3.52 7.03 11.40
CA PRO A 178 3.94 5.96 10.47
C PRO A 178 5.42 5.59 10.57
N ARG A 179 6.22 6.32 11.34
CA ARG A 179 7.60 5.91 11.57
C ARG A 179 7.66 4.55 12.25
N GLY A 180 6.61 4.18 12.99
CA GLY A 180 6.58 2.90 13.67
C GLY A 180 6.34 1.72 12.75
N LEU A 181 6.14 1.95 11.45
CA LEU A 181 6.00 0.89 10.46
C LEU A 181 7.23 0.66 9.61
N LEU A 182 8.29 1.42 9.80
N LEU A 182 8.36 1.33 9.90
CA LEU A 182 9.44 1.28 8.95
CA LEU A 182 9.57 1.29 9.04
C LEU A 182 10.33 0.20 9.53
C LEU A 182 10.71 0.36 9.53
N PRO A 183 11.26 -0.35 8.70
N PRO A 183 11.13 -0.55 8.64
CA PRO A 183 12.34 -1.23 9.16
CA PRO A 183 12.26 -1.42 9.00
C PRO A 183 13.67 -0.47 9.33
C PRO A 183 13.36 -0.48 9.49
N GLU A 184 14.64 -1.14 9.94
N GLU A 184 14.56 -1.00 9.80
CA GLU A 184 15.91 -0.47 10.21
CA GLU A 184 15.73 -0.15 10.13
C GLU A 184 16.45 0.18 8.98
C GLU A 184 16.55 0.25 8.91
N SER A 185 16.66 -0.63 7.93
CA SER A 185 17.35 -0.24 6.73
C SER A 185 16.41 0.43 5.75
N LEU A 186 16.91 1.48 5.10
CA LEU A 186 16.22 2.08 3.94
C LEU A 186 16.85 1.66 2.62
N ASP A 187 17.57 0.54 2.57
CA ASP A 187 18.04 -0.02 1.30
C ASP A 187 16.80 -0.38 0.45
N TYR A 188 16.86 -0.09 -0.86
CA TYR A 188 15.67 -0.27 -1.71
C TYR A 188 16.00 -0.67 -3.12
N TRP A 189 14.97 -1.16 -3.79
CA TRP A 189 14.90 -1.30 -5.23
C TRP A 189 13.95 -0.27 -5.79
N THR A 190 14.14 0.19 -7.00
CA THR A 190 13.26 1.17 -7.61
C THR A 190 13.05 0.92 -9.10
N TYR A 191 11.84 1.17 -9.58
CA TYR A 191 11.54 1.04 -10.99
C TYR A 191 10.31 1.89 -11.27
N PRO A 192 10.05 2.22 -12.57
CA PRO A 192 8.86 2.97 -12.95
C PRO A 192 7.67 2.04 -13.15
N GLY A 193 6.54 2.34 -12.53
CA GLY A 193 5.36 1.48 -12.64
C GLY A 193 4.06 2.23 -12.51
N SER A 194 3.10 1.56 -11.90
CA SER A 194 1.70 2.00 -11.91
C SER A 194 1.05 1.81 -10.57
N LEU A 195 -0.17 2.35 -10.44
N LEU A 195 -0.17 2.35 -10.46
CA LEU A 195 -1.05 1.90 -9.38
CA LEU A 195 -1.08 1.88 -9.42
C LEU A 195 -1.26 0.39 -9.58
C LEU A 195 -1.27 0.38 -9.59
N THR A 196 -1.36 -0.35 -8.48
CA THR A 196 -1.65 -1.80 -8.56
C THR A 196 -3.16 -2.06 -8.49
N THR A 197 -3.96 -1.02 -8.29
CA THR A 197 -5.40 -1.11 -8.26
C THR A 197 -5.96 -0.24 -9.37
N PRO A 198 -7.13 -0.62 -9.96
CA PRO A 198 -7.80 0.30 -10.86
C PRO A 198 -7.87 1.71 -10.26
N PRO A 199 -7.59 2.77 -11.02
CA PRO A 199 -7.51 2.78 -12.48
C PRO A 199 -6.14 2.40 -13.09
N LEU A 200 -5.17 1.89 -12.30
CA LEU A 200 -3.94 1.32 -12.86
C LEU A 200 -3.06 2.32 -13.59
N LEU A 201 -3.17 3.60 -13.22
CA LEU A 201 -2.50 4.68 -13.91
C LEU A 201 -1.00 4.52 -13.80
N GLU A 202 -0.30 4.82 -14.87
CA GLU A 202 1.14 4.63 -15.00
C GLU A 202 1.91 5.89 -14.54
N CYS A 203 1.82 6.15 -13.25
CA CYS A 203 2.23 7.42 -12.66
C CYS A 203 3.14 7.24 -11.47
N VAL A 204 3.64 6.01 -11.21
CA VAL A 204 4.30 5.71 -9.92
C VAL A 204 5.79 5.43 -10.11
N THR A 205 6.64 6.11 -9.31
CA THR A 205 7.98 5.62 -9.03
C THR A 205 7.90 4.74 -7.80
N TRP A 206 8.14 3.45 -8.01
CA TRP A 206 8.12 2.48 -6.93
C TRP A 206 9.47 2.47 -6.22
N ILE A 207 9.42 2.43 -4.89
CA ILE A 207 10.60 2.34 -4.02
C ILE A 207 10.26 1.21 -3.03
N VAL A 208 10.83 0.04 -3.25
CA VAL A 208 10.50 -1.15 -2.49
C VAL A 208 11.66 -1.45 -1.54
N LEU A 209 11.42 -1.41 -0.23
CA LEU A 209 12.49 -1.67 0.71
C LEU A 209 12.88 -3.16 0.74
N LYS A 210 14.19 -3.40 0.82
CA LYS A 210 14.68 -4.75 0.92
C LYS A 210 14.35 -5.45 2.21
N GLU A 211 14.35 -4.74 3.33
CA GLU A 211 14.16 -5.33 4.65
C GLU A 211 12.67 -5.37 4.98
N PRO A 212 12.09 -6.56 5.19
CA PRO A 212 10.71 -6.61 5.63
CA PRO A 212 10.71 -6.62 5.64
C PRO A 212 10.57 -6.18 7.08
N ILE A 213 9.37 -5.82 7.48
CA ILE A 213 9.02 -5.72 8.89
C ILE A 213 8.39 -7.03 9.30
N SER A 214 8.52 -7.37 10.56
CA SER A 214 7.84 -8.53 11.15
CA SER A 214 7.86 -8.53 11.14
C SER A 214 6.59 -8.08 11.86
N VAL A 215 5.49 -8.80 11.63
CA VAL A 215 4.23 -8.59 12.35
C VAL A 215 3.83 -9.94 12.94
N SER A 216 3.01 -9.95 13.97
CA SER A 216 2.65 -11.24 14.54
C SER A 216 1.51 -11.90 13.80
N SER A 217 1.37 -13.20 13.99
CA SER A 217 0.26 -13.90 13.42
CA SER A 217 0.25 -13.92 13.44
C SER A 217 -1.06 -13.29 13.91
N GLU A 218 -1.13 -12.89 15.18
CA GLU A 218 -2.34 -12.27 15.71
C GLU A 218 -2.68 -10.95 15.01
N GLN A 219 -1.66 -10.16 14.70
CA GLN A 219 -1.88 -8.92 13.97
C GLN A 219 -2.45 -9.16 12.57
N VAL A 220 -1.86 -10.09 11.82
CA VAL A 220 -2.36 -10.32 10.46
C VAL A 220 -3.72 -11.03 10.48
N LEU A 221 -3.96 -11.86 11.49
CA LEU A 221 -5.27 -12.48 11.66
C LEU A 221 -6.38 -11.42 11.79
N LYS A 222 -6.08 -10.30 12.44
CA LYS A 222 -7.06 -9.24 12.58
C LYS A 222 -7.31 -8.54 11.23
N PHE A 223 -6.30 -8.40 10.37
CA PHE A 223 -6.54 -7.92 9.00
C PHE A 223 -7.56 -8.81 8.29
N ARG A 224 -7.42 -10.13 8.49
CA ARG A 224 -8.23 -11.11 7.77
C ARG A 224 -9.68 -11.23 8.29
N LYS A 225 -10.01 -10.52 9.36
CA LYS A 225 -11.40 -10.43 9.89
C LYS A 225 -12.18 -9.31 9.24
N LEU A 226 -11.50 -8.40 8.52
CA LEU A 226 -12.21 -7.38 7.78
C LEU A 226 -13.08 -8.01 6.68
N ASN A 227 -13.98 -7.13 6.27
N ASN A 227 -14.03 -7.30 6.01
CA ASN A 227 -14.95 -7.45 5.31
CA ASN A 227 -14.90 -7.91 4.90
C ASN A 227 -14.81 -6.53 4.11
C ASN A 227 -14.90 -7.17 3.54
N PHE A 228 -14.88 -7.15 2.94
N PHE A 228 -14.98 -7.88 2.41
CA PHE A 228 -15.02 -6.43 1.68
CA PHE A 228 -15.15 -7.20 1.09
C PHE A 228 -16.42 -5.80 1.57
C PHE A 228 -16.56 -6.57 0.95
N ASN A 229 -17.41 -6.50 2.13
N ASN A 229 -17.57 -7.27 1.45
CA ASN A 229 -18.81 -6.10 2.03
CA ASN A 229 -18.98 -6.84 1.36
C ASN A 229 -19.13 -4.96 2.95
C ASN A 229 -19.36 -5.72 2.36
N GLY A 230 -20.23 -4.29 2.60
N GLY A 230 -20.50 -5.04 2.21
CA GLY A 230 -20.85 -3.35 3.47
CA GLY A 230 -20.97 -3.99 3.21
C GLY A 230 -21.72 -4.15 4.40
C GLY A 230 -21.70 -4.40 4.53
N GLU A 231 -22.01 -3.49 5.49
CA GLU A 231 -22.91 -3.88 6.61
C GLU A 231 -24.27 -4.31 6.10
N GLY A 232 -24.74 -5.42 6.65
CA GLY A 232 -26.00 -6.01 6.21
C GLY A 232 -25.92 -6.73 4.88
N GLU A 233 -24.69 -7.02 4.43
CA GLU A 233 -24.47 -7.88 3.24
C GLU A 233 -23.76 -9.19 3.63
N PRO A 234 -23.86 -10.22 2.78
CA PRO A 234 -23.24 -11.53 3.00
C PRO A 234 -21.74 -11.43 3.19
N GLU A 235 -21.23 -12.13 4.20
CA GLU A 235 -19.87 -11.93 4.61
C GLU A 235 -18.90 -12.56 3.62
N GLU A 236 -17.99 -11.70 3.14
N GLU A 236 -18.00 -11.76 3.05
CA GLU A 236 -16.82 -12.10 2.36
CA GLU A 236 -16.93 -12.30 2.22
C GLU A 236 -15.61 -11.40 2.98
C GLU A 236 -15.65 -11.79 2.82
N LEU A 237 -14.79 -12.22 3.64
N LEU A 237 -14.80 -12.69 3.31
CA LEU A 237 -13.62 -11.74 4.33
CA LEU A 237 -13.65 -12.22 4.05
C LEU A 237 -12.72 -11.01 3.34
C LEU A 237 -12.66 -11.46 3.16
N MET A 238 -12.19 -9.97 3.71
N MET A 238 -12.19 -10.36 3.77
CA MET A 238 -11.22 -9.25 2.90
CA MET A 238 -11.04 -9.50 3.35
C MET A 238 -9.85 -9.89 3.11
C MET A 238 -9.77 -10.24 3.33
N VAL A 239 -9.53 -10.77 2.17
CA VAL A 239 -8.26 -11.49 2.08
C VAL A 239 -7.92 -11.61 0.60
N ASP A 240 -6.63 -11.79 0.33
CA ASP A 240 -6.16 -11.94 -1.04
C ASP A 240 -6.51 -10.73 -1.90
N ASN A 241 -6.28 -9.55 -1.35
CA ASN A 241 -6.52 -8.28 -2.05
C ASN A 241 -5.23 -7.77 -2.71
N TRP A 242 -4.54 -8.67 -3.39
CA TRP A 242 -3.27 -8.40 -4.07
C TRP A 242 -3.41 -8.69 -5.56
N ARG A 243 -2.78 -7.85 -6.36
CA ARG A 243 -2.57 -8.08 -7.79
C ARG A 243 -1.29 -8.90 -7.96
N PRO A 244 -1.30 -9.95 -8.79
CA PRO A 244 -0.06 -10.67 -9.07
CA PRO A 244 -0.05 -10.66 -9.02
C PRO A 244 0.96 -9.87 -9.87
N ALA A 245 2.19 -10.36 -9.89
CA ALA A 245 3.27 -9.75 -10.67
C ALA A 245 2.90 -9.68 -12.15
N GLN A 246 3.23 -8.53 -12.76
CA GLN A 246 2.96 -8.24 -14.17
C GLN A 246 4.27 -8.24 -14.95
N PRO A 247 4.16 -8.32 -16.29
CA PRO A 247 5.39 -8.36 -17.09
C PRO A 247 6.26 -7.12 -16.92
N LEU A 248 7.56 -7.35 -16.77
CA LEU A 248 8.51 -6.26 -16.63
C LEU A 248 8.67 -5.42 -17.89
N LYS A 249 8.55 -6.07 -19.04
CA LYS A 249 8.63 -5.37 -20.36
C LYS A 249 9.94 -4.58 -20.43
N ASN A 250 9.92 -3.35 -20.91
CA ASN A 250 11.14 -2.67 -21.17
C ASN A 250 11.47 -1.81 -19.98
N ARG A 251 11.77 -2.47 -18.82
CA ARG A 251 12.16 -1.78 -17.62
C ARG A 251 13.35 -2.39 -16.91
N GLN A 252 14.09 -1.53 -16.22
CA GLN A 252 15.18 -1.92 -15.38
C GLN A 252 14.84 -1.61 -13.92
N ILE A 253 15.10 -2.57 -13.06
CA ILE A 253 15.02 -2.37 -11.62
C ILE A 253 16.42 -2.04 -11.13
N LYS A 254 16.51 -0.98 -10.33
CA LYS A 254 17.80 -0.50 -9.84
C LYS A 254 17.84 -0.68 -8.34
N ALA A 255 19.00 -1.07 -7.82
CA ALA A 255 19.24 -1.27 -6.40
C ALA A 255 20.07 -0.13 -5.83
N SER A 256 19.73 0.29 -4.62
CA SER A 256 20.45 1.33 -3.92
C SER A 256 21.67 0.79 -3.16
N PHE A 257 21.85 -0.53 -3.18
CA PHE A 257 22.81 -1.23 -2.30
C PHE A 257 23.50 -2.32 -3.09
N LYS A 258 24.71 -2.66 -2.64
CA LYS A 258 25.56 -3.70 -3.26
C LYS A 258 25.43 -5.03 -2.50
#